data_7EWB
#
_entry.id   7EWB
#
_cell.length_a   46.559
_cell.length_b   102.480
_cell.length_c   56.126
_cell.angle_alpha   90.000
_cell.angle_beta   106.880
_cell.angle_gamma   90.000
#
_symmetry.space_group_name_H-M   'P 1 21 1'
#
loop_
_entity.id
_entity.type
_entity.pdbx_description
1 polymer 'Isoform 2B of GTPase KRas'
2 non-polymer 'MAGNESIUM ION'
3 non-polymer "GUANOSINE-5'-DIPHOSPHATE"
4 non-polymer 4-[(1~{S},5~{R})-3,8-diazabicyclo[3.2.1]octan-3-yl]-7-(8-methylnaphthalen-1-yl)-2-[[(2~{S})-1-methylpyrrolidin-2-yl]methoxy]-6,8-dihydro-5~{H}-pyrido[3,4-d]pyrimidine
5 non-polymer 'PHOSPHOAMINOPHOSPHONIC ACID-GUANYLATE ESTER'
6 water water
#
_entity_poly.entity_id   1
_entity_poly.type   'polypeptide(L)'
_entity_poly.pdbx_seq_one_letter_code
;GMTEYKLVVVGADGVGKSALTIQLIQNHFVDEYDPTIEDSYRKQVVIDGETCLLDILDTAGQEEYSAMRDQYMRTGEGFL
CVFAINNTKSFEDIHHYREQIKRVKDSEDVPMVLVGNKCDLPSRTVDTKQAQDLARSYGIPFIETSAKTRQGVDDAFYTL
VREIRKHKEK
;
_entity_poly.pdbx_strand_id   A,B,C
#
loop_
_chem_comp.id
_chem_comp.type
_chem_comp.name
_chem_comp.formula
05I non-polymer 4-[(1~{S},5~{R})-3,8-diazabicyclo[3.2.1]octan-3-yl]-7-(8-methylnaphthalen-1-yl)-2-[[(2~{S})-1-methylpyrrolidin-2-yl]methoxy]-6,8-dihydro-5~{H}-pyrido[3,4-d]pyrimidine 'C30 H38 N6 O'
GDP RNA linking GUANOSINE-5'-DIPHOSPHATE 'C10 H15 N5 O11 P2'
GNP non-polymer 'PHOSPHOAMINOPHOSPHONIC ACID-GUANYLATE ESTER' 'C10 H17 N6 O13 P3'
MG non-polymer 'MAGNESIUM ION' 'Mg 2'
#
# COMPACT_ATOMS: atom_id res chain seq x y z
N GLY A 1 -16.51 -14.31 4.21
CA GLY A 1 -15.45 -14.83 5.06
C GLY A 1 -14.10 -14.48 4.48
N MET A 2 -13.50 -15.44 3.76
CA MET A 2 -12.25 -15.22 3.05
C MET A 2 -12.35 -15.84 1.67
N THR A 3 -11.72 -15.20 0.69
CA THR A 3 -11.50 -15.83 -0.61
C THR A 3 -10.13 -16.47 -0.62
N GLU A 4 -10.08 -17.77 -0.96
CA GLU A 4 -8.84 -18.52 -0.98
C GLU A 4 -8.16 -18.41 -2.35
N TYR A 5 -6.85 -18.17 -2.34
CA TYR A 5 -6.03 -18.16 -3.56
C TYR A 5 -4.83 -19.08 -3.35
N LYS A 6 -4.65 -20.06 -4.24
CA LYS A 6 -3.49 -20.93 -4.20
C LYS A 6 -2.43 -20.36 -5.13
N LEU A 7 -1.36 -19.84 -4.55
CA LEU A 7 -0.25 -19.28 -5.33
C LEU A 7 0.93 -20.24 -5.29
N VAL A 8 1.70 -20.27 -6.38
CA VAL A 8 2.89 -21.10 -6.49
C VAL A 8 4.05 -20.24 -6.97
N VAL A 9 5.15 -20.24 -6.23
CA VAL A 9 6.34 -19.48 -6.54
C VAL A 9 7.35 -20.44 -7.16
N VAL A 10 7.74 -20.16 -8.42
CA VAL A 10 8.64 -21.02 -9.19
C VAL A 10 9.83 -20.21 -9.67
N GLY A 11 10.87 -20.94 -10.11
CA GLY A 11 12.07 -20.31 -10.64
C GLY A 11 13.34 -20.96 -10.12
N ALA A 12 14.49 -20.56 -10.66
CA ALA A 12 15.75 -21.28 -10.41
C ALA A 12 16.14 -21.25 -8.93
N ASP A 13 17.10 -22.10 -8.57
CA ASP A 13 17.65 -22.09 -7.22
C ASP A 13 18.32 -20.76 -6.93
N GLY A 14 18.09 -20.25 -5.72
CA GLY A 14 18.81 -19.09 -5.24
C GLY A 14 18.28 -17.74 -5.68
N VAL A 15 17.15 -17.68 -6.39
CA VAL A 15 16.63 -16.39 -6.87
C VAL A 15 15.89 -15.62 -5.79
N GLY A 16 15.49 -16.29 -4.71
CA GLY A 16 14.75 -15.65 -3.65
C GLY A 16 13.32 -16.10 -3.48
N LYS A 17 12.94 -17.28 -3.99
CA LYS A 17 11.57 -17.76 -3.82
C LYS A 17 11.19 -17.87 -2.34
N SER A 18 12.11 -18.37 -1.51
CA SER A 18 11.81 -18.51 -0.09
C SER A 18 11.85 -17.17 0.62
N ALA A 19 12.86 -16.34 0.31
CA ALA A 19 12.91 -15.01 0.93
C ALA A 19 11.65 -14.20 0.62
N LEU A 20 11.20 -14.23 -0.63
CA LEU A 20 9.98 -13.52 -1.01
C LEU A 20 8.78 -14.02 -0.20
N THR A 21 8.65 -15.34 -0.05
CA THR A 21 7.50 -15.90 0.64
C THR A 21 7.52 -15.57 2.12
N ILE A 22 8.67 -15.80 2.77
CA ILE A 22 8.80 -15.55 4.21
C ILE A 22 8.68 -14.07 4.53
N GLN A 23 9.12 -13.21 3.61
CA GLN A 23 8.89 -11.78 3.79
C GLN A 23 7.40 -11.48 3.82
N LEU A 24 6.64 -12.08 2.90
CA LEU A 24 5.19 -11.92 2.94
C LEU A 24 4.58 -12.56 4.18
N ILE A 25 4.99 -13.79 4.49
CA ILE A 25 4.35 -14.54 5.57
C ILE A 25 4.75 -13.99 6.93
N GLN A 26 6.06 -13.80 7.16
CA GLN A 26 6.58 -13.52 8.49
C GLN A 26 7.18 -12.12 8.64
N ASN A 27 7.21 -11.31 7.58
CA ASN A 27 7.65 -9.92 7.62
C ASN A 27 9.13 -9.76 7.99
N HIS A 28 9.98 -10.70 7.60
CA HIS A 28 11.40 -10.49 7.81
C HIS A 28 12.16 -11.16 6.69
N PHE A 29 13.42 -10.79 6.57
CA PHE A 29 14.29 -11.26 5.49
C PHE A 29 15.18 -12.36 6.02
N VAL A 30 15.06 -13.55 5.45
CA VAL A 30 15.87 -14.70 5.83
C VAL A 30 17.14 -14.71 4.98
N ASP A 31 18.30 -14.64 5.65
CA ASP A 31 19.60 -14.66 4.96
C ASP A 31 19.90 -16.02 4.36
N GLU A 32 19.76 -17.08 5.15
CA GLU A 32 19.93 -18.44 4.67
C GLU A 32 18.70 -19.23 5.08
N TYR A 33 17.99 -19.75 4.10
CA TYR A 33 16.83 -20.59 4.34
C TYR A 33 17.04 -21.84 3.52
N ASP A 34 16.92 -23.01 4.17
CA ASP A 34 17.23 -24.29 3.57
C ASP A 34 16.77 -24.31 2.11
N PRO A 35 17.70 -24.41 1.15
CA PRO A 35 17.33 -24.32 -0.26
C PRO A 35 16.57 -25.52 -0.76
N THR A 36 16.47 -26.58 0.04
CA THR A 36 15.81 -27.82 -0.35
C THR A 36 14.38 -27.94 0.16
N ILE A 37 13.93 -27.04 1.02
CA ILE A 37 12.65 -27.18 1.71
C ILE A 37 11.54 -26.61 0.82
N GLU A 38 10.61 -27.47 0.43
CA GLU A 38 9.43 -27.07 -0.31
C GLU A 38 8.22 -27.15 0.62
N ASP A 39 7.41 -26.10 0.64
CA ASP A 39 6.29 -26.05 1.57
C ASP A 39 5.27 -25.02 1.13
N SER A 40 4.05 -25.18 1.65
CA SER A 40 2.96 -24.21 1.50
C SER A 40 2.79 -23.42 2.79
N TYR A 41 2.55 -22.12 2.64
CA TYR A 41 2.36 -21.20 3.77
C TYR A 41 1.07 -20.42 3.58
N ARG A 42 0.28 -20.29 4.66
CA ARG A 42 -1.02 -19.65 4.58
C ARG A 42 -0.98 -18.29 5.26
N LYS A 43 -1.66 -17.31 4.66
CA LYS A 43 -1.60 -15.94 5.13
C LYS A 43 -2.91 -15.23 4.83
N GLN A 44 -3.46 -14.57 5.84
CA GLN A 44 -4.64 -13.74 5.66
C GLN A 44 -4.23 -12.30 5.42
N VAL A 45 -4.71 -11.72 4.31
CA VAL A 45 -4.45 -10.32 3.98
C VAL A 45 -5.70 -9.74 3.34
N VAL A 46 -5.79 -8.42 3.34
CA VAL A 46 -6.84 -7.72 2.62
C VAL A 46 -6.22 -7.12 1.37
N ILE A 47 -6.77 -7.47 0.20
CA ILE A 47 -6.28 -6.98 -1.08
C ILE A 47 -7.45 -6.33 -1.79
N ASP A 48 -7.34 -5.01 -2.04
CA ASP A 48 -8.39 -4.25 -2.72
C ASP A 48 -9.75 -4.42 -2.05
N GLY A 49 -9.76 -4.43 -0.72
CA GLY A 49 -11.00 -4.58 0.02
C GLY A 49 -11.44 -6.00 0.27
N GLU A 50 -10.82 -6.98 -0.39
CA GLU A 50 -11.24 -8.37 -0.26
C GLU A 50 -10.35 -9.09 0.76
N THR A 51 -10.97 -9.82 1.67
CA THR A 51 -10.20 -10.59 2.65
C THR A 51 -9.75 -11.90 2.00
N CYS A 52 -8.45 -12.12 1.97
CA CYS A 52 -7.88 -13.23 1.21
C CYS A 52 -7.09 -14.15 2.13
N LEU A 53 -7.29 -15.44 1.95
CA LEU A 53 -6.38 -16.45 2.49
C LEU A 53 -5.48 -16.89 1.36
N LEU A 54 -4.23 -16.43 1.40
CA LEU A 54 -3.25 -16.84 0.41
C LEU A 54 -2.61 -18.14 0.88
N ASP A 55 -2.65 -19.15 0.03
CA ASP A 55 -1.95 -20.42 0.25
C ASP A 55 -0.78 -20.45 -0.73
N ILE A 56 0.44 -20.33 -0.23
CA ILE A 56 1.59 -20.03 -1.08
C ILE A 56 2.57 -21.20 -1.04
N LEU A 57 2.70 -21.88 -2.18
CA LEU A 57 3.63 -23.00 -2.33
C LEU A 57 4.98 -22.46 -2.81
N ASP A 58 5.98 -22.58 -1.95
CA ASP A 58 7.34 -22.14 -2.24
C ASP A 58 8.12 -23.36 -2.70
N THR A 59 8.45 -23.42 -3.99
CA THR A 59 8.93 -24.66 -4.59
C THR A 59 10.43 -24.82 -4.38
N ALA A 60 10.86 -26.08 -4.35
CA ALA A 60 12.24 -26.46 -4.13
C ALA A 60 12.35 -27.96 -4.42
N GLY A 61 13.56 -28.49 -4.33
CA GLY A 61 13.81 -29.91 -4.43
C GLY A 61 14.47 -30.29 -5.74
N GLN A 62 14.46 -31.59 -6.02
CA GLN A 62 15.04 -32.09 -7.25
C GLN A 62 14.15 -31.78 -8.44
N GLU A 63 14.76 -31.64 -9.61
CA GLU A 63 13.99 -31.54 -10.85
C GLU A 63 13.49 -32.94 -11.21
N GLU A 64 12.17 -33.14 -11.11
CA GLU A 64 11.54 -34.41 -11.45
C GLU A 64 10.09 -34.14 -11.82
N TYR A 65 9.49 -35.09 -12.53
CA TYR A 65 8.17 -34.89 -13.11
C TYR A 65 7.24 -36.04 -12.74
N SER A 66 7.30 -36.46 -11.48
CA SER A 66 6.39 -37.45 -10.95
C SER A 66 4.95 -36.96 -11.03
N ALA A 67 4.01 -37.91 -10.99
CA ALA A 67 2.60 -37.53 -11.02
C ALA A 67 2.24 -36.72 -9.78
N MET A 68 2.74 -37.13 -8.61
CA MET A 68 2.50 -36.36 -7.40
C MET A 68 3.00 -34.93 -7.55
N ARG A 69 4.19 -34.75 -8.15
CA ARG A 69 4.74 -33.41 -8.36
C ARG A 69 3.83 -32.58 -9.26
N ASP A 70 3.46 -33.13 -10.44
CA ASP A 70 2.52 -32.46 -11.33
C ASP A 70 1.23 -32.09 -10.60
N GLN A 71 0.76 -32.97 -9.71
CA GLN A 71 -0.52 -32.75 -9.05
C GLN A 71 -0.43 -31.64 -8.02
N TYR A 72 0.68 -31.56 -7.29
CA TYR A 72 0.92 -30.44 -6.37
C TYR A 72 0.96 -29.11 -7.12
N MET A 73 1.65 -29.09 -8.29
CA MET A 73 1.83 -27.84 -9.01
C MET A 73 0.55 -27.36 -9.66
N ARG A 74 -0.23 -28.27 -10.25
CA ARG A 74 -1.44 -27.84 -10.96
C ARG A 74 -2.58 -27.43 -10.03
N THR A 75 -2.44 -27.60 -8.70
CA THR A 75 -3.38 -26.95 -7.78
C THR A 75 -3.18 -25.44 -7.74
N GLY A 76 -2.01 -24.95 -8.14
CA GLY A 76 -1.80 -23.52 -8.24
C GLY A 76 -2.79 -22.79 -9.14
N GLU A 77 -3.42 -21.74 -8.61
CA GLU A 77 -4.28 -20.88 -9.41
C GLU A 77 -3.51 -19.80 -10.13
N GLY A 78 -2.40 -19.35 -9.54
CA GLY A 78 -1.55 -18.37 -10.18
C GLY A 78 -0.11 -18.63 -9.79
N PHE A 79 0.81 -18.14 -10.61
CA PHE A 79 2.22 -18.49 -10.45
C PHE A 79 3.09 -17.23 -10.47
N LEU A 80 3.97 -17.12 -9.49
CA LEU A 80 5.03 -16.12 -9.51
C LEU A 80 6.25 -16.77 -10.14
N CYS A 81 6.67 -16.28 -11.29
CA CYS A 81 7.84 -16.80 -11.99
C CYS A 81 8.99 -15.87 -11.67
N VAL A 82 9.94 -16.35 -10.86
CA VAL A 82 10.92 -15.49 -10.21
C VAL A 82 12.28 -15.77 -10.80
N PHE A 83 13.01 -14.71 -11.15
CA PHE A 83 14.42 -14.78 -11.53
C PHE A 83 15.11 -13.68 -10.73
N ALA A 84 16.44 -13.71 -10.67
CA ALA A 84 17.19 -12.66 -10.02
C ALA A 84 17.83 -11.77 -11.08
N ILE A 85 17.79 -10.45 -10.86
CA ILE A 85 18.30 -9.54 -11.88
C ILE A 85 19.81 -9.59 -12.00
N ASN A 86 20.48 -10.28 -11.09
CA ASN A 86 21.91 -10.55 -11.15
C ASN A 86 22.20 -12.02 -11.48
N ASN A 87 21.24 -12.71 -12.09
CA ASN A 87 21.41 -14.13 -12.44
C ASN A 87 20.84 -14.34 -13.85
N THR A 88 21.69 -14.13 -14.85
CA THR A 88 21.22 -14.25 -16.24
C THR A 88 20.61 -15.62 -16.49
N LYS A 89 21.26 -16.67 -16.01
CA LYS A 89 20.76 -18.01 -16.25
C LYS A 89 19.35 -18.18 -15.71
N SER A 90 19.06 -17.64 -14.52
CA SER A 90 17.72 -17.80 -13.96
C SER A 90 16.68 -17.08 -14.80
N PHE A 91 17.04 -15.95 -15.40
CA PHE A 91 16.12 -15.29 -16.33
C PHE A 91 15.87 -16.16 -17.55
N GLU A 92 16.94 -16.73 -18.12
CA GLU A 92 16.82 -17.58 -19.28
C GLU A 92 15.98 -18.83 -19.00
N ASP A 93 15.94 -19.26 -17.72
CA ASP A 93 15.16 -20.43 -17.35
C ASP A 93 13.66 -20.14 -17.24
N ILE A 94 13.24 -18.87 -17.29
CA ILE A 94 11.83 -18.55 -17.02
C ILE A 94 10.92 -19.31 -17.99
N HIS A 95 11.33 -19.40 -19.26
CA HIS A 95 10.44 -20.01 -20.26
C HIS A 95 10.13 -21.46 -19.94
N HIS A 96 11.14 -22.21 -19.47
CA HIS A 96 10.92 -23.58 -19.04
C HIS A 96 9.86 -23.68 -17.94
N TYR A 97 9.94 -22.81 -16.92
CA TYR A 97 8.94 -22.85 -15.86
C TYR A 97 7.56 -22.53 -16.39
N ARG A 98 7.46 -21.48 -17.22
CA ARG A 98 6.18 -21.18 -17.85
C ARG A 98 5.65 -22.35 -18.66
N GLU A 99 6.53 -23.04 -19.39
CA GLU A 99 6.09 -24.20 -20.19
C GLU A 99 5.54 -25.31 -19.29
N GLN A 100 6.20 -25.57 -18.16
CA GLN A 100 5.72 -26.60 -17.24
C GLN A 100 4.41 -26.19 -16.57
N ILE A 101 4.24 -24.90 -16.30
CA ILE A 101 2.97 -24.44 -15.75
C ILE A 101 1.84 -24.67 -16.77
N LYS A 102 2.06 -24.26 -18.01
CA LYS A 102 1.06 -24.47 -19.05
C LYS A 102 0.70 -25.95 -19.19
N ARG A 103 1.69 -26.83 -19.12
CA ARG A 103 1.47 -28.26 -19.29
C ARG A 103 0.60 -28.84 -18.17
N VAL A 104 0.98 -28.62 -16.92
CA VAL A 104 0.22 -29.24 -15.84
C VAL A 104 -1.16 -28.60 -15.72
N LYS A 105 -1.28 -27.32 -16.09
CA LYS A 105 -2.58 -26.64 -16.07
C LYS A 105 -3.39 -26.91 -17.32
N ASP A 106 -2.75 -27.40 -18.38
CA ASP A 106 -3.39 -27.68 -19.67
C ASP A 106 -4.09 -26.44 -20.21
N SER A 107 -3.37 -25.31 -20.22
CA SER A 107 -4.00 -24.09 -20.73
C SER A 107 -2.91 -23.13 -21.19
N GLU A 108 -3.29 -22.29 -22.16
CA GLU A 108 -2.41 -21.22 -22.62
C GLU A 108 -2.54 -19.95 -21.81
N ASP A 109 -3.61 -19.81 -21.03
CA ASP A 109 -3.85 -18.61 -20.24
C ASP A 109 -3.89 -19.03 -18.76
N VAL A 110 -2.77 -18.90 -18.09
CA VAL A 110 -2.67 -19.17 -16.66
C VAL A 110 -2.24 -17.88 -15.99
N PRO A 111 -2.93 -17.45 -14.94
CA PRO A 111 -2.49 -16.26 -14.21
C PRO A 111 -1.05 -16.41 -13.73
N MET A 112 -0.25 -15.38 -13.99
CA MET A 112 1.20 -15.41 -13.82
C MET A 112 1.69 -13.98 -13.69
N VAL A 113 2.73 -13.79 -12.88
CA VAL A 113 3.46 -12.54 -12.79
C VAL A 113 4.93 -12.87 -12.90
N LEU A 114 5.66 -12.10 -13.70
CA LEU A 114 7.11 -12.23 -13.80
C LEU A 114 7.75 -11.32 -12.75
N VAL A 115 8.67 -11.87 -11.98
CA VAL A 115 9.29 -11.14 -10.88
C VAL A 115 10.82 -11.18 -11.06
N GLY A 116 11.42 -10.01 -11.22
CA GLY A 116 12.87 -9.90 -11.09
C GLY A 116 13.27 -9.47 -9.69
N ASN A 117 13.74 -10.41 -8.88
CA ASN A 117 14.09 -10.17 -7.49
C ASN A 117 15.55 -9.77 -7.31
N LYS A 118 15.88 -9.32 -6.10
CA LYS A 118 17.19 -8.80 -5.69
C LYS A 118 17.48 -7.46 -6.35
N CYS A 119 16.45 -6.63 -6.51
CA CYS A 119 16.67 -5.35 -7.16
C CYS A 119 17.48 -4.39 -6.30
N ASP A 120 17.77 -4.74 -5.06
CA ASP A 120 18.66 -3.94 -4.24
C ASP A 120 20.12 -4.07 -4.64
N LEU A 121 20.49 -5.12 -5.39
CA LEU A 121 21.90 -5.37 -5.63
C LEU A 121 22.44 -4.54 -6.78
N PRO A 122 23.73 -4.21 -6.75
CA PRO A 122 24.32 -3.40 -7.81
C PRO A 122 24.71 -4.17 -9.06
N SER A 123 24.84 -5.50 -9.00
CA SER A 123 25.44 -6.27 -10.10
C SER A 123 24.37 -6.80 -11.07
N ARG A 124 23.62 -5.85 -11.64
CA ARG A 124 22.49 -6.16 -12.52
C ARG A 124 22.98 -6.64 -13.89
N THR A 125 22.69 -7.91 -14.23
CA THR A 125 22.97 -8.41 -15.56
C THR A 125 21.74 -8.60 -16.43
N VAL A 126 20.54 -8.48 -15.87
CA VAL A 126 19.29 -8.60 -16.62
C VAL A 126 18.63 -7.22 -16.63
N ASP A 127 18.53 -6.61 -17.81
CA ASP A 127 17.91 -5.30 -17.96
C ASP A 127 16.41 -5.37 -17.70
N THR A 128 15.88 -4.31 -17.08
CA THR A 128 14.44 -4.15 -16.93
C THR A 128 13.71 -4.29 -18.26
N LYS A 129 14.25 -3.69 -19.32
CA LYS A 129 13.61 -3.75 -20.63
C LYS A 129 13.61 -5.19 -21.16
N GLN A 130 14.67 -5.95 -20.88
CA GLN A 130 14.70 -7.35 -21.31
C GLN A 130 13.56 -8.13 -20.68
N ALA A 131 13.36 -7.94 -19.37
CA ALA A 131 12.31 -8.65 -18.69
C ALA A 131 10.92 -8.14 -19.08
N GLN A 132 10.79 -6.84 -19.34
CA GLN A 132 9.52 -6.31 -19.80
C GLN A 132 9.14 -6.89 -21.15
N ASP A 133 10.11 -6.97 -22.07
CA ASP A 133 9.86 -7.59 -23.36
C ASP A 133 9.29 -8.99 -23.19
N LEU A 134 9.88 -9.77 -22.28
CA LEU A 134 9.40 -11.13 -22.07
C LEU A 134 7.99 -11.12 -21.52
N ALA A 135 7.73 -10.26 -20.52
CA ALA A 135 6.42 -10.18 -19.88
C ALA A 135 5.33 -9.79 -20.88
N ARG A 136 5.61 -8.80 -21.75
CA ARG A 136 4.65 -8.41 -22.79
C ARG A 136 4.41 -9.53 -23.80
N SER A 137 5.44 -10.31 -24.13
CA SER A 137 5.23 -11.44 -25.04
C SER A 137 4.31 -12.48 -24.43
N TYR A 138 4.36 -12.64 -23.11
CA TYR A 138 3.51 -13.59 -22.41
C TYR A 138 2.14 -13.01 -22.10
N GLY A 139 1.99 -11.70 -22.14
CA GLY A 139 0.76 -11.07 -21.70
C GLY A 139 0.62 -11.02 -20.18
N ILE A 140 1.71 -10.92 -19.44
CA ILE A 140 1.64 -10.97 -17.98
C ILE A 140 2.31 -9.73 -17.42
N PRO A 141 1.99 -9.37 -16.19
CA PRO A 141 2.67 -8.24 -15.55
C PRO A 141 4.11 -8.60 -15.18
N PHE A 142 4.91 -7.55 -15.04
CA PHE A 142 6.29 -7.70 -14.58
C PHE A 142 6.54 -6.73 -13.44
N ILE A 143 7.24 -7.19 -12.40
CA ILE A 143 7.60 -6.32 -11.29
C ILE A 143 8.97 -6.72 -10.76
N GLU A 144 9.78 -5.73 -10.42
CA GLU A 144 11.05 -5.94 -9.76
C GLU A 144 10.88 -5.90 -8.25
N THR A 145 11.52 -6.84 -7.54
CA THR A 145 11.37 -6.92 -6.09
C THR A 145 12.72 -7.01 -5.39
N SER A 146 12.71 -6.66 -4.11
CA SER A 146 13.80 -6.98 -3.21
C SER A 146 13.23 -7.65 -1.96
N ALA A 147 13.43 -8.95 -1.84
CA ALA A 147 13.05 -9.62 -0.60
C ALA A 147 13.82 -9.03 0.59
N LYS A 148 15.00 -8.45 0.34
CA LYS A 148 15.81 -7.92 1.43
C LYS A 148 15.19 -6.67 2.03
N THR A 149 14.82 -5.71 1.18
CA THR A 149 14.25 -4.44 1.62
C THR A 149 12.73 -4.43 1.68
N ARG A 150 12.07 -5.47 1.14
CA ARG A 150 10.63 -5.62 0.95
C ARG A 150 10.08 -4.77 -0.19
N GLN A 151 10.93 -4.05 -0.92
CA GLN A 151 10.43 -3.28 -2.05
C GLN A 151 9.69 -4.21 -3.01
N GLY A 152 8.43 -3.88 -3.29
CA GLY A 152 7.66 -4.57 -4.30
C GLY A 152 7.12 -5.92 -3.92
N VAL A 153 7.39 -6.41 -2.70
CA VAL A 153 7.02 -7.77 -2.36
C VAL A 153 5.50 -7.92 -2.24
N ASP A 154 4.84 -7.03 -1.49
CA ASP A 154 3.37 -7.07 -1.41
C ASP A 154 2.75 -6.90 -2.79
N ASP A 155 3.20 -5.90 -3.55
CA ASP A 155 2.62 -5.64 -4.86
C ASP A 155 2.71 -6.86 -5.76
N ALA A 156 3.81 -7.62 -5.68
CA ALA A 156 3.96 -8.74 -6.60
C ALA A 156 2.93 -9.83 -6.32
N PHE A 157 2.73 -10.17 -5.06
CA PHE A 157 1.72 -11.17 -4.71
C PHE A 157 0.31 -10.65 -4.97
N TYR A 158 0.03 -9.40 -4.63
CA TYR A 158 -1.31 -8.86 -4.86
C TYR A 158 -1.61 -8.77 -6.35
N THR A 159 -0.60 -8.44 -7.15
CA THR A 159 -0.81 -8.38 -8.58
C THR A 159 -1.18 -9.74 -9.14
N LEU A 160 -0.50 -10.79 -8.67
CA LEU A 160 -0.90 -12.15 -9.03
C LEU A 160 -2.35 -12.41 -8.68
N VAL A 161 -2.77 -12.03 -7.46
CA VAL A 161 -4.16 -12.20 -7.04
C VAL A 161 -5.11 -11.53 -8.03
N ARG A 162 -4.81 -10.28 -8.40
CA ARG A 162 -5.63 -9.57 -9.36
C ARG A 162 -5.63 -10.24 -10.73
N GLU A 163 -4.52 -10.89 -11.10
CA GLU A 163 -4.51 -11.67 -12.33
C GLU A 163 -5.44 -12.87 -12.24
N ILE A 164 -5.51 -13.50 -11.06
CA ILE A 164 -6.44 -14.61 -10.89
C ILE A 164 -7.89 -14.11 -10.96
N ARG A 165 -8.18 -12.95 -10.36
CA ARG A 165 -9.52 -12.36 -10.47
C ARG A 165 -9.90 -12.13 -11.93
N LYS A 166 -9.01 -11.52 -12.72
CA LYS A 166 -9.29 -11.29 -14.13
C LYS A 166 -9.54 -12.60 -14.86
N HIS A 167 -8.76 -13.63 -14.53
CA HIS A 167 -8.94 -14.93 -15.18
C HIS A 167 -10.34 -15.48 -14.89
N LYS A 168 -10.78 -15.40 -13.64
CA LYS A 168 -12.13 -15.83 -13.32
C LYS A 168 -13.19 -15.04 -14.07
N GLU A 169 -12.82 -13.87 -14.61
CA GLU A 169 -13.68 -12.91 -15.31
C GLU A 169 -14.66 -12.28 -14.34
N GLY B 1 16.51 7.76 -23.39
CA GLY B 1 17.24 7.69 -22.13
C GLY B 1 16.33 7.71 -20.91
N MET B 2 15.49 8.73 -20.80
CA MET B 2 14.65 8.92 -19.62
C MET B 2 13.19 8.65 -19.96
N THR B 3 12.55 7.76 -19.22
CA THR B 3 11.17 7.43 -19.50
C THR B 3 10.26 8.59 -19.13
N GLU B 4 9.28 8.86 -19.99
CA GLU B 4 8.26 9.86 -19.74
C GLU B 4 6.91 9.17 -19.66
N TYR B 5 6.08 9.60 -18.71
CA TYR B 5 4.74 9.04 -18.48
C TYR B 5 3.72 10.16 -18.65
N LYS B 6 2.85 10.02 -19.66
CA LYS B 6 1.76 10.97 -19.88
C LYS B 6 0.58 10.55 -19.02
N LEU B 7 0.34 11.31 -17.94
CA LEU B 7 -0.75 11.04 -17.02
C LEU B 7 -1.86 12.06 -17.22
N VAL B 8 -3.11 11.58 -17.22
CA VAL B 8 -4.27 12.45 -17.41
C VAL B 8 -5.14 12.36 -16.17
N VAL B 9 -5.47 13.50 -15.60
CA VAL B 9 -6.31 13.57 -14.41
C VAL B 9 -7.72 14.00 -14.83
N VAL B 10 -8.68 13.10 -14.68
CA VAL B 10 -10.06 13.34 -15.10
C VAL B 10 -10.99 13.25 -13.89
N GLY B 11 -12.23 13.72 -14.08
CA GLY B 11 -13.25 13.65 -13.05
C GLY B 11 -14.12 14.90 -12.99
N ALA B 12 -15.17 14.88 -12.17
CA ALA B 12 -16.16 15.97 -12.13
C ALA B 12 -15.56 17.26 -11.60
N ASP B 13 -16.25 18.37 -11.86
CA ASP B 13 -15.82 19.67 -11.39
C ASP B 13 -15.72 19.72 -9.86
N GLY B 14 -14.64 20.33 -9.37
CA GLY B 14 -14.47 20.60 -7.96
C GLY B 14 -13.93 19.45 -7.12
N VAL B 15 -13.59 18.31 -7.73
CA VAL B 15 -13.17 17.17 -6.92
C VAL B 15 -11.74 17.28 -6.43
N GLY B 16 -10.98 18.23 -6.96
CA GLY B 16 -9.60 18.43 -6.56
C GLY B 16 -8.56 18.01 -7.58
N LYS B 17 -8.93 17.87 -8.86
CA LYS B 17 -7.99 17.46 -9.89
C LYS B 17 -6.78 18.40 -9.91
N SER B 18 -7.02 19.71 -9.92
CA SER B 18 -5.91 20.65 -9.99
C SER B 18 -5.12 20.69 -8.68
N ALA B 19 -5.82 20.71 -7.54
CA ALA B 19 -5.11 20.73 -6.27
C ALA B 19 -4.28 19.46 -6.08
N LEU B 20 -4.76 18.33 -6.58
CA LEU B 20 -3.96 17.11 -6.54
C LEU B 20 -2.72 17.24 -7.40
N THR B 21 -2.86 17.81 -8.60
CA THR B 21 -1.73 17.98 -9.50
C THR B 21 -0.69 18.93 -8.90
N ILE B 22 -1.15 20.08 -8.41
CA ILE B 22 -0.25 21.08 -7.84
C ILE B 22 0.42 20.53 -6.59
N GLN B 23 -0.34 19.81 -5.77
CA GLN B 23 0.24 19.21 -4.57
C GLN B 23 1.37 18.25 -4.95
N LEU B 24 1.16 17.45 -6.00
CA LEU B 24 2.21 16.53 -6.42
C LEU B 24 3.44 17.27 -6.91
N ILE B 25 3.24 18.33 -7.68
CA ILE B 25 4.34 18.98 -8.38
C ILE B 25 4.97 20.10 -7.57
N GLN B 26 4.19 20.87 -6.81
CA GLN B 26 4.73 22.01 -6.07
C GLN B 26 4.65 21.88 -4.56
N ASN B 27 4.06 20.80 -4.05
CA ASN B 27 4.07 20.47 -2.62
C ASN B 27 3.35 21.52 -1.78
N HIS B 28 2.28 22.13 -2.30
CA HIS B 28 1.44 23.02 -1.50
C HIS B 28 0.01 22.93 -2.01
N PHE B 29 -0.91 23.55 -1.25
CA PHE B 29 -2.35 23.38 -1.43
C PHE B 29 -2.96 24.71 -1.86
N VAL B 30 -3.45 24.77 -3.11
CA VAL B 30 -4.09 25.98 -3.59
C VAL B 30 -5.57 25.97 -3.20
N ASP B 31 -6.07 27.11 -2.73
CA ASP B 31 -7.46 27.21 -2.29
C ASP B 31 -8.43 27.33 -3.45
N GLU B 32 -8.13 28.22 -4.41
CA GLU B 32 -9.07 28.56 -5.48
C GLU B 32 -8.33 28.62 -6.81
N TYR B 33 -7.96 27.46 -7.34
CA TYR B 33 -7.41 27.40 -8.68
C TYR B 33 -8.54 27.57 -9.69
N ASP B 34 -8.25 28.30 -10.77
CA ASP B 34 -9.22 28.59 -11.82
C ASP B 34 -9.91 27.30 -12.28
N PRO B 35 -11.23 27.20 -12.16
CA PRO B 35 -11.91 25.97 -12.61
C PRO B 35 -11.78 25.68 -14.10
N THR B 36 -11.46 26.69 -14.93
CA THR B 36 -11.55 26.57 -16.38
C THR B 36 -10.22 26.16 -17.03
N ILE B 37 -9.12 26.18 -16.30
CA ILE B 37 -7.80 26.00 -16.89
C ILE B 37 -7.52 24.50 -17.06
N GLU B 38 -7.50 24.04 -18.31
CA GLU B 38 -6.88 22.76 -18.66
C GLU B 38 -5.45 23.03 -19.05
N ASP B 39 -4.50 22.32 -18.44
CA ASP B 39 -3.10 22.51 -18.76
C ASP B 39 -2.33 21.27 -18.33
N SER B 40 -1.07 21.21 -18.76
CA SER B 40 -0.17 20.11 -18.47
C SER B 40 0.99 20.62 -17.65
N TYR B 41 1.43 19.80 -16.70
CA TYR B 41 2.52 20.15 -15.81
C TYR B 41 3.55 19.03 -15.81
N ARG B 42 4.83 19.40 -15.78
CA ARG B 42 5.94 18.46 -15.88
C ARG B 42 6.76 18.45 -14.60
N LYS B 43 7.22 17.26 -14.20
CA LYS B 43 8.10 17.15 -13.04
C LYS B 43 8.83 15.81 -13.09
N GLN B 44 10.16 15.86 -12.93
CA GLN B 44 10.96 14.65 -12.83
C GLN B 44 10.92 14.15 -11.39
N VAL B 45 10.68 12.85 -11.22
CA VAL B 45 10.53 12.23 -9.91
C VAL B 45 11.23 10.88 -9.92
N VAL B 46 11.42 10.32 -8.74
CA VAL B 46 11.99 8.98 -8.55
C VAL B 46 10.90 8.09 -7.99
N ILE B 47 10.56 7.02 -8.70
CA ILE B 47 9.55 6.07 -8.27
C ILE B 47 10.20 4.68 -8.23
N ASP B 48 10.26 4.09 -7.03
CA ASP B 48 10.87 2.79 -6.83
C ASP B 48 12.29 2.74 -7.42
N GLY B 49 13.06 3.78 -7.12
CA GLY B 49 14.43 3.86 -7.54
C GLY B 49 14.66 4.19 -9.01
N GLU B 50 13.61 4.35 -9.80
CA GLU B 50 13.78 4.68 -11.22
C GLU B 50 13.27 6.09 -11.46
N THR B 51 14.14 6.93 -12.00
CA THR B 51 13.79 8.30 -12.33
C THR B 51 12.96 8.32 -13.61
N CYS B 52 11.95 9.20 -13.63
CA CYS B 52 11.10 9.33 -14.78
C CYS B 52 10.58 10.75 -14.82
N LEU B 53 10.09 11.15 -15.99
CA LEU B 53 9.46 12.44 -16.17
C LEU B 53 7.95 12.24 -16.20
N LEU B 54 7.25 12.93 -15.32
CA LEU B 54 5.79 12.95 -15.32
C LEU B 54 5.29 14.16 -16.12
N ASP B 55 4.41 13.89 -17.08
CA ASP B 55 3.67 14.93 -17.80
C ASP B 55 2.19 14.75 -17.49
N ILE B 56 1.68 15.60 -16.60
CA ILE B 56 0.34 15.45 -16.05
C ILE B 56 -0.62 16.43 -16.70
N LEU B 57 -1.62 15.91 -17.39
CA LEU B 57 -2.65 16.75 -18.01
C LEU B 57 -3.80 16.91 -17.00
N ASP B 58 -3.97 18.14 -16.53
CA ASP B 58 -5.01 18.47 -15.56
C ASP B 58 -6.23 18.97 -16.34
N THR B 59 -7.24 18.12 -16.49
CA THR B 59 -8.31 18.45 -17.43
C THR B 59 -9.36 19.36 -16.78
N ALA B 60 -10.06 20.09 -17.64
CA ALA B 60 -11.07 21.07 -17.23
C ALA B 60 -11.76 21.60 -18.48
N GLY B 61 -12.76 22.44 -18.27
CA GLY B 61 -13.45 23.08 -19.37
C GLY B 61 -14.76 22.42 -19.71
N GLN B 62 -15.18 22.61 -20.96
CA GLN B 62 -16.50 22.16 -21.37
C GLN B 62 -16.47 20.68 -21.72
N GLU B 63 -17.58 20.00 -21.46
CA GLU B 63 -17.73 18.63 -21.95
C GLU B 63 -17.99 18.66 -23.46
N GLU B 64 -17.01 18.20 -24.24
CA GLU B 64 -17.17 18.14 -25.69
C GLU B 64 -16.28 17.03 -26.24
N TYR B 65 -16.71 16.44 -27.36
CA TYR B 65 -16.11 15.22 -27.88
C TYR B 65 -15.54 15.43 -29.30
N SER B 66 -14.91 16.58 -29.51
CA SER B 66 -14.19 16.83 -30.76
C SER B 66 -13.08 15.81 -30.96
N ALA B 67 -12.74 15.57 -32.23
CA ALA B 67 -11.63 14.67 -32.55
C ALA B 67 -10.35 15.10 -31.87
N MET B 68 -10.15 16.41 -31.73
CA MET B 68 -8.96 16.94 -31.08
C MET B 68 -8.94 16.60 -29.59
N ARG B 69 -10.07 16.76 -28.91
CA ARG B 69 -10.12 16.39 -27.49
C ARG B 69 -9.86 14.89 -27.34
N ASP B 70 -10.54 14.06 -28.15
CA ASP B 70 -10.27 12.63 -28.13
C ASP B 70 -8.78 12.34 -28.30
N GLN B 71 -8.11 13.09 -29.17
CA GLN B 71 -6.71 12.80 -29.47
C GLN B 71 -5.80 13.22 -28.33
N TYR B 72 -6.09 14.35 -27.68
CA TYR B 72 -5.27 14.75 -26.54
C TYR B 72 -5.46 13.76 -25.38
N MET B 73 -6.70 13.28 -25.18
CA MET B 73 -6.93 12.27 -24.16
C MET B 73 -6.28 10.94 -24.51
N ARG B 74 -6.25 10.60 -25.80
CA ARG B 74 -5.65 9.34 -26.25
C ARG B 74 -4.16 9.28 -25.98
N THR B 75 -3.46 10.43 -25.99
CA THR B 75 -2.04 10.44 -25.64
C THR B 75 -1.79 9.94 -24.22
N GLY B 76 -2.79 10.00 -23.34
CA GLY B 76 -2.60 9.52 -21.98
C GLY B 76 -2.21 8.05 -21.89
N GLU B 77 -1.17 7.76 -21.12
CA GLU B 77 -0.76 6.38 -20.84
C GLU B 77 -1.40 5.84 -19.57
N GLY B 78 -1.77 6.71 -18.65
CA GLY B 78 -2.43 6.32 -17.42
C GLY B 78 -3.38 7.43 -16.99
N PHE B 79 -4.49 7.03 -16.37
CA PHE B 79 -5.55 7.96 -16.00
C PHE B 79 -5.84 7.93 -14.52
N LEU B 80 -5.86 9.11 -13.90
CA LEU B 80 -6.39 9.26 -12.55
C LEU B 80 -7.85 9.66 -12.68
N CYS B 81 -8.75 8.79 -12.24
CA CYS B 81 -10.18 9.09 -12.22
C CYS B 81 -10.53 9.55 -10.81
N VAL B 82 -10.75 10.86 -10.65
CA VAL B 82 -10.88 11.48 -9.34
C VAL B 82 -12.34 11.76 -9.05
N PHE B 83 -12.80 11.36 -7.86
CA PHE B 83 -14.05 11.81 -7.27
C PHE B 83 -13.70 12.35 -5.89
N ALA B 84 -14.64 13.04 -5.27
CA ALA B 84 -14.47 13.53 -3.91
C ALA B 84 -15.43 12.78 -2.99
N ILE B 85 -14.94 12.40 -1.81
CA ILE B 85 -15.72 11.53 -0.95
C ILE B 85 -16.94 12.23 -0.36
N ASN B 86 -17.05 13.55 -0.56
CA ASN B 86 -18.21 14.33 -0.14
C ASN B 86 -19.05 14.78 -1.33
N ASN B 87 -18.97 14.05 -2.44
CA ASN B 87 -19.60 14.46 -3.70
C ASN B 87 -20.10 13.19 -4.37
N THR B 88 -21.33 12.79 -4.03
CA THR B 88 -21.88 11.56 -4.57
C THR B 88 -21.95 11.61 -6.09
N LYS B 89 -22.25 12.78 -6.64
CA LYS B 89 -22.36 12.89 -8.10
C LYS B 89 -21.03 12.56 -8.77
N SER B 90 -19.92 13.09 -8.22
CA SER B 90 -18.62 12.85 -8.83
C SER B 90 -18.27 11.36 -8.80
N PHE B 91 -18.68 10.65 -7.75
CA PHE B 91 -18.52 9.21 -7.74
C PHE B 91 -19.39 8.53 -8.79
N GLU B 92 -20.66 8.95 -8.93
CA GLU B 92 -21.52 8.35 -9.93
C GLU B 92 -20.97 8.57 -11.33
N ASP B 93 -20.30 9.70 -11.55
CA ASP B 93 -19.74 10.07 -12.83
C ASP B 93 -18.50 9.24 -13.18
N ILE B 94 -17.94 8.44 -12.26
CA ILE B 94 -16.73 7.70 -12.57
C ILE B 94 -16.96 6.74 -13.73
N HIS B 95 -18.12 6.10 -13.77
CA HIS B 95 -18.40 5.18 -14.84
C HIS B 95 -18.32 5.87 -16.20
N HIS B 96 -18.84 7.08 -16.29
CA HIS B 96 -18.75 7.84 -17.53
C HIS B 96 -17.29 8.05 -17.95
N TYR B 97 -16.45 8.53 -17.04
CA TYR B 97 -15.08 8.85 -17.40
C TYR B 97 -14.30 7.61 -17.81
N ARG B 98 -14.49 6.51 -17.09
CA ARG B 98 -13.82 5.27 -17.48
C ARG B 98 -14.30 4.79 -18.86
N GLU B 99 -15.59 4.97 -19.16
CA GLU B 99 -16.10 4.62 -20.49
C GLU B 99 -15.44 5.48 -21.56
N GLN B 100 -15.23 6.77 -21.30
CA GLN B 100 -14.61 7.61 -22.30
C GLN B 100 -13.14 7.26 -22.50
N ILE B 101 -12.44 6.91 -21.41
CA ILE B 101 -11.06 6.48 -21.52
C ILE B 101 -10.97 5.21 -22.36
N LYS B 102 -11.86 4.25 -22.09
CA LYS B 102 -11.84 2.99 -22.82
C LYS B 102 -12.16 3.22 -24.30
N ARG B 103 -13.09 4.12 -24.60
CA ARG B 103 -13.41 4.42 -26.00
C ARG B 103 -12.20 4.98 -26.75
N VAL B 104 -11.54 5.99 -26.21
CA VAL B 104 -10.49 6.65 -26.97
C VAL B 104 -9.19 5.87 -26.98
N LYS B 105 -8.96 5.01 -25.99
CA LYS B 105 -7.83 4.08 -26.04
C LYS B 105 -8.18 2.78 -26.76
N ASP B 106 -9.47 2.56 -27.07
CA ASP B 106 -9.96 1.37 -27.75
C ASP B 106 -9.48 0.09 -27.06
N SER B 107 -9.59 0.07 -25.74
CA SER B 107 -9.01 -1.00 -24.95
C SER B 107 -9.72 -1.07 -23.60
N GLU B 108 -9.84 -2.29 -23.09
CA GLU B 108 -10.41 -2.53 -21.77
C GLU B 108 -9.37 -2.54 -20.66
N ASP B 109 -8.07 -2.47 -21.01
CA ASP B 109 -6.98 -2.68 -20.08
C ASP B 109 -6.15 -1.41 -19.84
N VAL B 110 -6.76 -0.24 -19.92
CA VAL B 110 -6.01 1.02 -19.77
C VAL B 110 -5.53 1.15 -18.33
N PRO B 111 -4.26 1.51 -18.10
CA PRO B 111 -3.82 1.83 -16.74
C PRO B 111 -4.63 2.97 -16.14
N MET B 112 -5.20 2.71 -14.97
CA MET B 112 -6.19 3.58 -14.38
C MET B 112 -6.06 3.46 -12.87
N VAL B 113 -6.30 4.56 -12.16
CA VAL B 113 -6.39 4.56 -10.70
C VAL B 113 -7.61 5.38 -10.28
N LEU B 114 -8.43 4.81 -9.41
CA LEU B 114 -9.56 5.51 -8.80
C LEU B 114 -9.10 6.26 -7.56
N VAL B 115 -9.39 7.55 -7.50
CA VAL B 115 -8.92 8.42 -6.44
C VAL B 115 -10.13 9.01 -5.72
N GLY B 116 -10.25 8.73 -4.43
CA GLY B 116 -11.23 9.41 -3.60
C GLY B 116 -10.57 10.56 -2.86
N ASN B 117 -10.73 11.79 -3.35
CA ASN B 117 -10.02 12.94 -2.79
C ASN B 117 -10.87 13.58 -1.67
N LYS B 118 -10.22 14.51 -0.93
CA LYS B 118 -10.79 15.28 0.18
C LYS B 118 -11.08 14.43 1.41
N CYS B 119 -10.28 13.39 1.64
CA CYS B 119 -10.51 12.51 2.79
CA CYS B 119 -10.53 12.52 2.79
C CYS B 119 -10.20 13.19 4.12
N ASP B 120 -9.69 14.43 4.10
CA ASP B 120 -9.57 15.21 5.31
C ASP B 120 -10.93 15.67 5.82
N LEU B 121 -11.96 15.60 4.95
CA LEU B 121 -13.27 16.14 5.33
C LEU B 121 -14.03 15.13 6.19
N PRO B 122 -14.96 15.62 7.04
CA PRO B 122 -15.84 14.69 7.78
C PRO B 122 -17.11 14.32 7.03
N SER B 123 -17.54 15.20 6.11
CA SER B 123 -18.86 15.06 5.51
C SER B 123 -18.87 14.04 4.37
N ARG B 124 -18.33 12.84 4.63
CA ARG B 124 -18.19 11.82 3.58
C ARG B 124 -19.52 11.13 3.25
N THR B 125 -19.93 11.22 1.98
CA THR B 125 -21.13 10.53 1.52
C THR B 125 -20.85 9.32 0.62
N VAL B 126 -19.62 9.11 0.19
CA VAL B 126 -19.25 7.93 -0.61
C VAL B 126 -18.43 7.03 0.30
N ASP B 127 -18.99 5.88 0.66
CA ASP B 127 -18.30 4.96 1.59
C ASP B 127 -17.01 4.44 0.97
N THR B 128 -15.97 4.30 1.80
CA THR B 128 -14.74 3.67 1.35
C THR B 128 -15.04 2.33 0.69
N LYS B 129 -15.91 1.54 1.31
CA LYS B 129 -16.20 0.21 0.81
C LYS B 129 -16.88 0.25 -0.56
N GLN B 130 -17.84 1.17 -0.76
CA GLN B 130 -18.51 1.21 -2.06
C GLN B 130 -17.51 1.54 -3.17
N ALA B 131 -16.63 2.52 -2.93
CA ALA B 131 -15.62 2.87 -3.92
C ALA B 131 -14.62 1.72 -4.13
N GLN B 132 -14.20 1.09 -3.03
CA GLN B 132 -13.28 -0.04 -3.15
C GLN B 132 -13.94 -1.21 -3.90
N ASP B 133 -15.22 -1.46 -3.64
CA ASP B 133 -15.90 -2.50 -4.42
C ASP B 133 -15.88 -2.18 -5.90
N LEU B 134 -16.10 -0.91 -6.25
CA LEU B 134 -16.14 -0.54 -7.66
C LEU B 134 -14.78 -0.68 -8.31
N ALA B 135 -13.74 -0.14 -7.67
CA ALA B 135 -12.38 -0.31 -8.18
C ALA B 135 -12.06 -1.79 -8.35
N ARG B 136 -12.38 -2.60 -7.34
CA ARG B 136 -12.08 -4.02 -7.44
C ARG B 136 -12.77 -4.67 -8.63
N SER B 137 -14.01 -4.26 -8.92
CA SER B 137 -14.70 -4.80 -10.10
C SER B 137 -14.09 -4.30 -11.41
N TYR B 138 -13.50 -3.11 -11.40
CA TYR B 138 -12.76 -2.60 -12.55
C TYR B 138 -11.38 -3.21 -12.67
N GLY B 139 -10.86 -3.82 -11.61
CA GLY B 139 -9.49 -4.29 -11.61
C GLY B 139 -8.45 -3.18 -11.56
N ILE B 140 -8.76 -2.07 -10.93
CA ILE B 140 -7.81 -0.95 -10.86
C ILE B 140 -7.57 -0.63 -9.38
N PRO B 141 -6.46 0.04 -9.07
CA PRO B 141 -6.21 0.44 -7.69
C PRO B 141 -7.15 1.55 -7.23
N PHE B 142 -7.48 1.55 -5.95
CA PHE B 142 -8.25 2.62 -5.32
C PHE B 142 -7.40 3.27 -4.26
N ILE B 143 -7.16 4.58 -4.40
CA ILE B 143 -6.36 5.34 -3.45
C ILE B 143 -7.21 6.51 -2.93
N GLU B 144 -7.25 6.67 -1.61
CA GLU B 144 -7.90 7.81 -0.99
C GLU B 144 -6.87 8.87 -0.65
N THR B 145 -7.20 10.12 -0.93
CA THR B 145 -6.24 11.21 -0.85
C THR B 145 -6.87 12.42 -0.19
N SER B 146 -5.99 13.29 0.30
CA SER B 146 -6.36 14.67 0.61
C SER B 146 -5.31 15.57 -0.02
N ALA B 147 -5.69 16.30 -1.07
CA ALA B 147 -4.80 17.32 -1.61
C ALA B 147 -4.46 18.38 -0.56
N LYS B 148 -5.35 18.58 0.40
CA LYS B 148 -5.15 19.60 1.43
C LYS B 148 -4.00 19.24 2.35
N THR B 149 -4.01 18.03 2.91
CA THR B 149 -2.98 17.60 3.85
C THR B 149 -1.81 16.89 3.18
N ARG B 150 -1.98 16.45 1.93
CA ARG B 150 -1.04 15.71 1.09
C ARG B 150 -1.13 14.20 1.33
N GLN B 151 -1.97 13.75 2.28
CA GLN B 151 -2.24 12.32 2.45
C GLN B 151 -2.51 11.61 1.12
N GLY B 152 -1.69 10.60 0.82
CA GLY B 152 -1.92 9.72 -0.30
C GLY B 152 -1.69 10.30 -1.67
N VAL B 153 -1.22 11.54 -1.77
CA VAL B 153 -1.12 12.18 -3.08
C VAL B 153 -0.01 11.54 -3.91
N ASP B 154 1.19 11.42 -3.33
CA ASP B 154 2.26 10.70 -4.02
C ASP B 154 1.83 9.28 -4.34
N ASP B 155 1.17 8.64 -3.38
CA ASP B 155 0.71 7.27 -3.56
C ASP B 155 -0.18 7.14 -4.78
N ALA B 156 -1.12 8.09 -4.97
CA ALA B 156 -2.03 8.01 -6.10
C ALA B 156 -1.27 8.07 -7.43
N PHE B 157 -0.46 9.11 -7.62
CA PHE B 157 0.27 9.24 -8.87
C PHE B 157 1.29 8.11 -9.04
N TYR B 158 2.04 7.78 -8.00
CA TYR B 158 3.05 6.72 -8.12
C TYR B 158 2.40 5.37 -8.42
N THR B 159 1.26 5.09 -7.80
CA THR B 159 0.54 3.86 -8.10
C THR B 159 0.15 3.78 -9.57
N LEU B 160 -0.22 4.92 -10.17
CA LEU B 160 -0.58 4.92 -11.58
C LEU B 160 0.61 4.60 -12.46
N VAL B 161 1.78 5.17 -12.14
CA VAL B 161 3.01 4.83 -12.84
C VAL B 161 3.32 3.34 -12.70
N ARG B 162 3.16 2.81 -11.49
CA ARG B 162 3.40 1.38 -11.29
C ARG B 162 2.47 0.55 -12.15
N GLU B 163 1.19 0.96 -12.28
CA GLU B 163 0.28 0.26 -13.17
C GLU B 163 0.82 0.25 -14.60
N ILE B 164 1.33 1.39 -15.07
CA ILE B 164 1.89 1.46 -16.42
C ILE B 164 3.13 0.56 -16.51
N ARG B 165 4.01 0.65 -15.51
CA ARG B 165 5.24 -0.13 -15.50
C ARG B 165 4.95 -1.62 -15.48
N LYS B 166 3.97 -2.05 -14.67
CA LYS B 166 3.74 -3.48 -14.55
C LYS B 166 3.05 -4.04 -15.79
N HIS B 167 2.20 -3.26 -16.43
CA HIS B 167 1.28 -3.81 -17.42
C HIS B 167 1.54 -3.37 -18.85
N LYS B 168 2.16 -2.24 -19.07
CA LYS B 168 2.25 -1.75 -20.44
C LYS B 168 3.66 -1.43 -20.91
N GLU B 169 4.53 -0.94 -20.03
CA GLU B 169 5.84 -0.41 -20.45
C GLU B 169 6.68 -1.40 -21.24
N GLY C 1 -18.23 -6.16 4.63
CA GLY C 1 -18.32 -4.92 5.39
C GLY C 1 -16.97 -4.27 5.58
N MET C 2 -16.97 -3.07 6.19
CA MET C 2 -15.74 -2.34 6.47
C MET C 2 -15.99 -1.10 7.33
N THR C 3 -15.24 -0.97 8.42
CA THR C 3 -15.37 0.17 9.33
C THR C 3 -14.09 0.98 9.34
N GLU C 4 -14.23 2.30 9.45
CA GLU C 4 -13.09 3.20 9.50
C GLU C 4 -12.76 3.54 10.95
N TYR C 5 -11.47 3.49 11.30
CA TYR C 5 -10.99 3.86 12.63
C TYR C 5 -9.89 4.90 12.48
N LYS C 6 -10.08 6.05 13.13
CA LYS C 6 -9.12 7.15 13.08
C LYS C 6 -8.20 7.02 14.28
N LEU C 7 -6.96 6.62 14.02
CA LEU C 7 -5.94 6.41 15.03
C LEU C 7 -4.88 7.51 14.93
N VAL C 8 -4.44 8.02 16.09
CA VAL C 8 -3.41 9.04 16.17
C VAL C 8 -2.29 8.51 17.07
N VAL C 9 -1.05 8.54 16.55
CA VAL C 9 0.13 8.11 17.27
C VAL C 9 0.81 9.34 17.85
N VAL C 10 0.94 9.42 19.18
CA VAL C 10 1.51 10.58 19.83
C VAL C 10 2.62 10.13 20.76
N GLY C 11 3.46 11.08 21.17
CA GLY C 11 4.60 10.78 22.00
C GLY C 11 5.77 11.69 21.70
N ALA C 12 6.82 11.55 22.53
CA ALA C 12 8.01 12.39 22.41
C ALA C 12 8.83 12.04 21.17
N ASP C 13 9.67 12.99 20.76
CA ASP C 13 10.69 12.78 19.73
C ASP C 13 11.43 11.47 19.92
N GLY C 14 11.52 10.69 18.85
CA GLY C 14 12.42 9.56 18.77
C GLY C 14 11.97 8.32 19.48
N VAL C 15 10.71 8.26 19.96
CA VAL C 15 10.25 7.05 20.62
C VAL C 15 9.91 5.94 19.62
N GLY C 16 9.69 6.28 18.35
CA GLY C 16 9.44 5.24 17.37
C GLY C 16 8.02 5.28 16.86
N LYS C 17 7.41 6.47 16.93
CA LYS C 17 6.06 6.67 16.40
C LYS C 17 5.98 6.34 14.91
N SER C 18 6.96 6.81 14.14
CA SER C 18 6.94 6.58 12.70
C SER C 18 7.32 5.14 12.35
N ALA C 19 8.30 4.57 13.05
CA ALA C 19 8.69 3.20 12.77
C ALA C 19 7.56 2.24 13.10
N LEU C 20 6.80 2.50 14.17
CA LEU C 20 5.65 1.67 14.49
C LEU C 20 4.61 1.72 13.38
N THR C 21 4.32 2.94 12.89
CA THR C 21 3.33 3.15 11.84
C THR C 21 3.76 2.53 10.53
N ILE C 22 5.05 2.69 10.17
CA ILE C 22 5.57 2.05 8.96
C ILE C 22 5.50 0.53 9.10
N GLN C 23 5.86 0.01 10.27
CA GLN C 23 5.85 -1.43 10.47
C GLN C 23 4.45 -2.02 10.32
N LEU C 24 3.40 -1.25 10.62
CA LEU C 24 2.05 -1.73 10.38
C LEU C 24 1.57 -1.46 8.97
N ILE C 25 1.82 -0.25 8.45
CA ILE C 25 1.39 0.11 7.11
C ILE C 25 2.13 -0.70 6.04
N GLN C 26 3.45 -0.86 6.18
CA GLN C 26 4.28 -1.37 5.10
C GLN C 26 5.09 -2.60 5.46
N ASN C 27 5.05 -3.04 6.72
CA ASN C 27 5.62 -4.31 7.15
C ASN C 27 7.14 -4.36 7.00
N HIS C 28 7.82 -3.21 7.03
CA HIS C 28 9.27 -3.18 7.19
C HIS C 28 9.66 -2.23 8.32
N PHE C 29 10.95 -2.23 8.64
CA PHE C 29 11.50 -1.43 9.74
C PHE C 29 12.44 -0.38 9.17
N VAL C 30 12.15 0.88 9.46
CA VAL C 30 12.98 2.00 9.01
C VAL C 30 13.83 2.49 10.19
N ASP C 31 15.14 2.61 9.93
CA ASP C 31 16.06 3.19 10.89
C ASP C 31 16.29 4.68 10.64
N GLU C 32 15.87 5.18 9.48
CA GLU C 32 16.13 6.55 9.07
C GLU C 32 14.88 7.15 8.43
N TYR C 33 13.79 7.17 9.20
CA TYR C 33 12.60 7.92 8.79
C TYR C 33 12.75 9.37 9.20
N ASP C 34 12.42 10.28 8.28
CA ASP C 34 12.47 11.73 8.47
C ASP C 34 11.71 12.12 9.73
N PRO C 35 12.41 12.53 10.79
CA PRO C 35 11.72 12.82 12.07
C PRO C 35 10.79 14.02 12.03
N THR C 36 10.79 14.79 10.95
CA THR C 36 10.02 16.04 10.90
C THR C 36 8.64 15.85 10.26
N ILE C 37 8.52 15.02 9.23
CA ILE C 37 7.31 15.01 8.41
C ILE C 37 6.16 14.32 9.15
N GLU C 38 5.06 15.05 9.30
CA GLU C 38 3.83 14.53 9.88
C GLU C 38 2.88 14.16 8.74
N ASP C 39 2.49 12.89 8.68
CA ASP C 39 1.66 12.43 7.58
C ASP C 39 0.57 11.51 8.10
N SER C 40 -0.51 11.43 7.32
CA SER C 40 -1.61 10.52 7.56
C SER C 40 -1.53 9.36 6.57
N TYR C 41 -1.85 8.15 7.05
CA TYR C 41 -1.83 6.95 6.24
C TYR C 41 -3.18 6.25 6.35
N ARG C 42 -3.57 5.52 5.31
CA ARG C 42 -4.82 4.77 5.28
C ARG C 42 -4.52 3.34 4.87
N LYS C 43 -5.00 2.36 5.64
CA LYS C 43 -4.72 0.97 5.33
C LYS C 43 -5.87 0.06 5.77
N GLN C 44 -6.01 -1.06 5.05
CA GLN C 44 -7.04 -2.06 5.29
C GLN C 44 -6.44 -3.28 5.99
N VAL C 45 -7.07 -3.72 7.08
CA VAL C 45 -6.64 -4.91 7.83
C VAL C 45 -7.87 -5.68 8.29
N VAL C 46 -7.63 -6.91 8.76
CA VAL C 46 -8.63 -7.73 9.44
C VAL C 46 -8.27 -7.80 10.92
N ILE C 47 -9.21 -7.41 11.78
CA ILE C 47 -9.04 -7.47 13.21
C ILE C 47 -10.24 -8.18 13.81
N ASP C 48 -10.00 -9.31 14.47
CA ASP C 48 -11.05 -10.09 15.12
C ASP C 48 -12.13 -10.50 14.12
N GLY C 49 -11.69 -10.86 12.90
CA GLY C 49 -12.60 -11.33 11.89
C GLY C 49 -13.38 -10.27 11.14
N GLU C 50 -13.26 -9.00 11.53
CA GLU C 50 -13.90 -7.90 10.82
C GLU C 50 -12.85 -7.08 10.08
N THR C 51 -13.27 -6.52 8.94
CA THR C 51 -12.37 -5.82 8.03
C THR C 51 -12.38 -4.32 8.33
N CYS C 52 -11.19 -3.73 8.44
CA CYS C 52 -11.05 -2.39 8.99
C CYS C 52 -10.24 -1.50 8.07
N LEU C 53 -10.65 -0.22 8.04
CA LEU C 53 -9.84 0.86 7.48
C LEU C 53 -9.24 1.64 8.63
N LEU C 54 -7.94 1.50 8.83
CA LEU C 54 -7.20 2.28 9.81
C LEU C 54 -6.58 3.48 9.09
N ASP C 55 -7.04 4.67 9.41
CA ASP C 55 -6.32 5.88 9.04
C ASP C 55 -5.49 6.33 10.25
N ILE C 56 -4.17 6.30 10.08
CA ILE C 56 -3.24 6.52 11.18
C ILE C 56 -2.52 7.83 10.94
N LEU C 57 -2.73 8.79 11.84
CA LEU C 57 -2.01 10.05 11.84
C LEU C 57 -0.73 9.88 12.69
N ASP C 58 0.42 9.86 12.02
CA ASP C 58 1.73 9.80 12.68
C ASP C 58 2.18 11.22 12.98
N THR C 59 2.05 11.64 14.24
CA THR C 59 2.36 13.01 14.62
C THR C 59 3.87 13.24 14.66
N ALA C 60 4.28 14.46 14.31
CA ALA C 60 5.66 14.81 14.10
C ALA C 60 5.75 16.34 14.03
N GLY C 61 6.98 16.84 13.99
CA GLY C 61 7.21 18.26 13.79
C GLY C 61 7.20 19.09 15.07
N GLN C 62 6.82 20.36 14.92
CA GLN C 62 6.85 21.30 16.03
C GLN C 62 5.59 21.18 16.87
N GLU C 63 5.73 21.55 18.14
CA GLU C 63 4.58 21.61 19.06
C GLU C 63 3.93 22.98 18.92
N GLU C 64 2.76 23.00 18.32
CA GLU C 64 2.00 24.25 18.18
C GLU C 64 0.52 23.91 18.11
N TYR C 65 -0.31 24.85 18.53
CA TYR C 65 -1.69 24.54 18.81
C TYR C 65 -2.64 25.31 17.91
N SER C 66 -2.36 25.33 16.61
CA SER C 66 -3.24 25.97 15.66
C SER C 66 -4.55 25.19 15.52
N ALA C 67 -5.57 25.90 15.01
CA ALA C 67 -6.87 25.28 14.81
C ALA C 67 -6.80 24.13 13.82
N MET C 68 -5.91 24.24 12.82
CA MET C 68 -5.70 23.14 11.89
C MET C 68 -5.03 21.96 12.58
N ARG C 69 -4.15 22.24 13.55
CA ARG C 69 -3.50 21.17 14.30
C ARG C 69 -4.50 20.42 15.18
N ASP C 70 -5.24 21.15 16.02
CA ASP C 70 -6.27 20.53 16.85
C ASP C 70 -7.27 19.74 15.98
N GLN C 71 -7.75 20.35 14.90
CA GLN C 71 -8.71 19.67 14.05
C GLN C 71 -8.14 18.38 13.48
N TYR C 72 -6.89 18.42 12.99
CA TYR C 72 -6.22 17.20 12.55
C TYR C 72 -6.17 16.18 13.68
N MET C 73 -5.74 16.61 14.87
CA MET C 73 -5.60 15.70 16.00
C MET C 73 -6.95 15.19 16.49
N ARG C 74 -8.00 16.03 16.40
CA ARG C 74 -9.29 15.65 16.96
C ARG C 74 -10.01 14.60 16.13
N THR C 75 -9.66 14.44 14.84
CA THR C 75 -10.29 13.40 14.05
C THR C 75 -10.06 12.02 14.64
N GLY C 76 -8.95 11.82 15.35
CA GLY C 76 -8.67 10.54 15.97
C GLY C 76 -9.72 10.06 16.95
N GLU C 77 -10.14 8.80 16.77
CA GLU C 77 -11.02 8.15 17.74
C GLU C 77 -10.25 7.46 18.86
N GLY C 78 -9.01 7.09 18.60
CA GLY C 78 -8.20 6.39 19.58
C GLY C 78 -6.74 6.79 19.44
N PHE C 79 -6.04 6.83 20.57
CA PHE C 79 -4.70 7.39 20.61
C PHE C 79 -3.69 6.37 21.11
N LEU C 80 -2.64 6.18 20.35
CA LEU C 80 -1.52 5.35 20.73
C LEU C 80 -0.52 6.27 21.40
N CYS C 81 -0.38 6.16 22.71
CA CYS C 81 0.52 7.03 23.46
C CYS C 81 1.83 6.26 23.66
N VAL C 82 2.83 6.62 22.89
CA VAL C 82 4.05 5.84 22.76
C VAL C 82 5.15 6.50 23.56
N PHE C 83 5.81 5.72 24.41
CA PHE C 83 7.10 6.09 24.98
C PHE C 83 8.11 4.99 24.63
N ALA C 84 9.40 5.31 24.77
CA ALA C 84 10.46 4.33 24.60
C ALA C 84 10.94 3.83 25.97
N ILE C 85 11.12 2.51 26.10
CA ILE C 85 11.47 1.90 27.37
C ILE C 85 12.87 2.31 27.86
N ASN C 86 13.65 2.97 27.00
CA ASN C 86 14.93 3.55 27.39
C ASN C 86 14.88 5.08 27.29
N ASN C 87 13.71 5.67 27.50
CA ASN C 87 13.61 7.13 27.42
C ASN C 87 12.71 7.57 28.57
N THR C 88 13.33 7.83 29.73
CA THR C 88 12.58 8.22 30.92
C THR C 88 11.70 9.44 30.66
N LYS C 89 12.27 10.48 30.03
CA LYS C 89 11.52 11.70 29.77
C LYS C 89 10.27 11.42 28.93
N SER C 90 10.38 10.53 27.94
CA SER C 90 9.24 10.26 27.07
C SER C 90 8.11 9.59 27.83
N PHE C 91 8.45 8.78 28.82
CA PHE C 91 7.45 8.16 29.68
C PHE C 91 6.78 9.20 30.57
N GLU C 92 7.60 10.11 31.15
CA GLU C 92 7.04 11.19 31.95
C GLU C 92 6.13 12.09 31.11
N ASP C 93 6.47 12.26 29.82
CA ASP C 93 5.70 13.12 28.93
C ASP C 93 4.31 12.60 28.64
N ILE C 94 4.03 11.33 28.93
CA ILE C 94 2.75 10.75 28.55
C ILE C 94 1.59 11.50 29.20
N HIS C 95 1.79 11.91 30.46
CA HIS C 95 0.81 12.73 31.19
C HIS C 95 0.36 13.92 30.36
N HIS C 96 1.32 14.64 29.76
CA HIS C 96 1.00 15.81 28.94
C HIS C 96 0.10 15.42 27.77
N TYR C 97 0.50 14.38 27.01
CA TYR C 97 -0.26 14.01 25.82
C TYR C 97 -1.68 13.58 26.17
N ARG C 98 -1.83 12.82 27.26
CA ARG C 98 -3.18 12.43 27.68
C ARG C 98 -4.05 13.65 27.96
N GLU C 99 -3.51 14.66 28.64
CA GLU C 99 -4.29 15.88 28.87
C GLU C 99 -4.60 16.59 27.55
N GLN C 100 -3.64 16.64 26.62
CA GLN C 100 -3.88 17.26 25.32
C GLN C 100 -4.94 16.50 24.53
N ILE C 101 -4.95 15.16 24.64
CA ILE C 101 -5.95 14.37 23.92
C ILE C 101 -7.34 14.67 24.45
N LYS C 102 -7.50 14.66 25.77
CA LYS C 102 -8.76 15.03 26.39
C LYS C 102 -9.27 16.38 25.89
N ARG C 103 -8.39 17.38 25.84
CA ARG C 103 -8.83 18.73 25.45
C ARG C 103 -9.40 18.75 24.04
N VAL C 104 -8.65 18.21 23.06
CA VAL C 104 -9.16 18.23 21.70
C VAL C 104 -10.38 17.33 21.57
N LYS C 105 -10.45 16.24 22.36
CA LYS C 105 -11.63 15.40 22.34
C LYS C 105 -12.78 15.99 23.13
N ASP C 106 -12.49 16.88 24.08
CA ASP C 106 -13.48 17.42 25.01
C ASP C 106 -14.20 16.26 25.72
N SER C 107 -13.41 15.44 26.39
CA SER C 107 -13.92 14.24 27.03
C SER C 107 -12.87 13.72 28.02
N GLU C 108 -13.34 13.12 29.12
CA GLU C 108 -12.45 12.53 30.11
C GLU C 108 -12.10 11.08 29.82
N ASP C 109 -12.85 10.41 28.94
CA ASP C 109 -12.64 8.99 28.64
C ASP C 109 -12.49 8.83 27.13
N VAL C 110 -11.26 8.65 26.68
CA VAL C 110 -10.92 8.52 25.26
C VAL C 110 -10.21 7.19 25.03
N PRO C 111 -10.55 6.45 23.98
CA PRO C 111 -9.79 5.22 23.67
C PRO C 111 -8.31 5.49 23.51
N MET C 112 -7.49 4.71 24.22
CA MET C 112 -6.06 4.95 24.32
C MET C 112 -5.37 3.65 24.66
N VAL C 113 -4.15 3.51 24.13
CA VAL C 113 -3.29 2.40 24.49
C VAL C 113 -1.91 2.98 24.79
N LEU C 114 -1.37 2.59 25.94
CA LEU C 114 0.00 2.94 26.30
C LEU C 114 0.96 1.94 25.65
N VAL C 115 1.94 2.45 24.92
CA VAL C 115 2.90 1.61 24.22
C VAL C 115 4.30 1.96 24.71
N GLY C 116 4.99 0.97 25.28
CA GLY C 116 6.41 1.09 25.57
C GLY C 116 7.23 0.45 24.46
N ASN C 117 7.81 1.27 23.59
CA ASN C 117 8.47 0.79 22.39
C ASN C 117 9.97 0.55 22.64
N LYS C 118 10.58 -0.15 21.68
CA LYS C 118 12.01 -0.50 21.67
C LYS C 118 12.36 -1.53 22.73
N CYS C 119 11.45 -2.47 23.00
CA CYS C 119 11.71 -3.48 24.01
CA CYS C 119 11.69 -3.48 24.01
C CYS C 119 12.77 -4.49 23.58
N ASP C 120 13.32 -4.36 22.38
CA ASP C 120 14.47 -5.20 22.05
C ASP C 120 15.72 -4.74 22.79
N LEU C 121 15.82 -3.44 23.09
CA LEU C 121 17.05 -2.87 23.61
C LEU C 121 17.33 -3.34 25.04
N PRO C 122 18.59 -3.49 25.41
CA PRO C 122 18.95 -3.83 26.79
C PRO C 122 18.94 -2.62 27.71
N SER C 123 18.93 -2.91 29.01
CA SER C 123 19.10 -1.89 30.05
C SER C 123 17.99 -0.83 30.00
N ARG C 124 16.75 -1.30 29.91
CA ARG C 124 15.63 -0.37 29.93
C ARG C 124 15.68 0.44 31.22
N THR C 125 15.36 1.73 31.11
CA THR C 125 15.25 2.60 32.27
C THR C 125 13.83 2.79 32.77
N VAL C 126 12.81 2.42 31.99
CA VAL C 126 11.41 2.44 32.42
C VAL C 126 10.99 0.99 32.66
N ASP C 127 10.55 0.69 33.89
CA ASP C 127 10.07 -0.65 34.23
C ASP C 127 8.69 -0.90 33.66
N THR C 128 8.41 -2.17 33.34
CA THR C 128 7.02 -2.60 33.09
C THR C 128 6.13 -2.21 34.26
N LYS C 129 6.65 -2.32 35.48
CA LYS C 129 5.87 -1.98 36.66
C LYS C 129 5.41 -0.53 36.63
N GLN C 130 6.31 0.37 36.25
CA GLN C 130 5.95 1.78 36.16
C GLN C 130 4.86 2.00 35.13
N ALA C 131 5.03 1.38 33.95
CA ALA C 131 4.02 1.48 32.90
C ALA C 131 2.69 0.93 33.37
N GLN C 132 2.71 -0.13 34.17
CA GLN C 132 1.46 -0.71 34.66
C GLN C 132 0.77 0.21 35.65
N ASP C 133 1.54 1.03 36.39
CA ASP C 133 0.94 2.06 37.22
C ASP C 133 0.23 3.09 36.37
N LEU C 134 0.89 3.53 35.31
CA LEU C 134 0.29 4.52 34.44
C LEU C 134 -0.97 3.96 33.79
N ALA C 135 -0.87 2.78 33.18
CA ALA C 135 -2.02 2.17 32.50
C ALA C 135 -3.18 1.91 33.46
N ARG C 136 -2.90 1.38 34.65
CA ARG C 136 -3.95 1.17 35.62
C ARG C 136 -4.56 2.51 36.07
N SER C 137 -3.73 3.53 36.22
CA SER C 137 -4.26 4.84 36.59
C SER C 137 -5.15 5.42 35.49
N TYR C 138 -4.80 5.16 34.23
CA TYR C 138 -5.57 5.69 33.11
C TYR C 138 -6.72 4.76 32.71
N GLY C 139 -6.70 3.52 33.14
CA GLY C 139 -7.71 2.57 32.73
C GLY C 139 -7.56 2.15 31.28
N ILE C 140 -6.32 2.00 30.82
CA ILE C 140 -6.08 1.68 29.42
C ILE C 140 -5.10 0.51 29.35
N PRO C 141 -5.10 -0.23 28.25
CA PRO C 141 -4.11 -1.29 28.08
C PRO C 141 -2.69 -0.74 27.95
N PHE C 142 -1.73 -1.58 28.30
CA PHE C 142 -0.33 -1.29 28.09
C PHE C 142 0.30 -2.41 27.28
N ILE C 143 0.99 -2.05 26.20
CA ILE C 143 1.60 -3.01 25.28
C ILE C 143 3.08 -2.66 25.11
N GLU C 144 3.96 -3.63 25.34
CA GLU C 144 5.38 -3.49 25.02
C GLU C 144 5.62 -3.88 23.57
N THR C 145 6.30 -3.01 22.82
CA THR C 145 6.54 -3.22 21.40
C THR C 145 8.01 -3.04 21.06
N SER C 146 8.37 -3.60 19.91
CA SER C 146 9.61 -3.30 19.23
C SER C 146 9.27 -3.11 17.76
N ALA C 147 9.39 -1.88 17.25
CA ALA C 147 9.26 -1.69 15.82
C ALA C 147 10.36 -2.42 15.06
N LYS C 148 11.47 -2.73 15.74
CA LYS C 148 12.59 -3.43 15.11
C LYS C 148 12.26 -4.89 14.87
N THR C 149 11.90 -5.62 15.93
CA THR C 149 11.57 -7.04 15.77
C THR C 149 10.15 -7.27 15.26
N ARG C 150 9.28 -6.26 15.36
CA ARG C 150 7.84 -6.28 15.07
C ARG C 150 7.07 -6.87 16.24
N GLN C 151 7.73 -7.27 17.31
CA GLN C 151 7.02 -7.74 18.50
C GLN C 151 6.00 -6.68 18.95
N GLY C 152 4.74 -7.12 19.09
CA GLY C 152 3.67 -6.31 19.65
C GLY C 152 3.11 -5.23 18.76
N VAL C 153 3.64 -5.04 17.55
CA VAL C 153 3.18 -3.94 16.70
C VAL C 153 1.72 -4.14 16.32
N ASP C 154 1.37 -5.31 15.78
CA ASP C 154 -0.02 -5.58 15.47
C ASP C 154 -0.87 -5.55 16.73
N ASP C 155 -0.34 -6.12 17.82
CA ASP C 155 -1.08 -6.15 19.08
C ASP C 155 -1.43 -4.74 19.55
N ALA C 156 -0.49 -3.80 19.42
CA ALA C 156 -0.72 -2.45 19.93
C ALA C 156 -1.82 -1.73 19.15
N PHE C 157 -1.70 -1.72 17.81
CA PHE C 157 -2.71 -1.07 16.98
C PHE C 157 -4.05 -1.80 17.06
N TYR C 158 -4.03 -3.14 17.11
CA TYR C 158 -5.28 -3.89 17.18
C TYR C 158 -5.95 -3.69 18.53
N THR C 159 -5.17 -3.63 19.61
CA THR C 159 -5.80 -3.37 20.91
C THR C 159 -6.49 -2.02 20.90
N LEU C 160 -5.89 -1.04 20.24
CA LEU C 160 -6.48 0.29 20.20
C LEU C 160 -7.80 0.27 19.44
N VAL C 161 -7.89 -0.52 18.37
CA VAL C 161 -9.16 -0.68 17.67
C VAL C 161 -10.20 -1.30 18.59
N ARG C 162 -9.82 -2.37 19.31
CA ARG C 162 -10.76 -2.99 20.25
C ARG C 162 -11.19 -2.01 21.33
N GLU C 163 -10.27 -1.15 21.80
CA GLU C 163 -10.66 -0.10 22.74
C GLU C 163 -11.68 0.85 22.12
N ILE C 164 -11.60 1.11 20.82
CA ILE C 164 -12.59 1.98 20.20
C ILE C 164 -13.93 1.25 20.07
N ARG C 165 -13.89 -0.04 19.71
CA ARG C 165 -15.12 -0.83 19.64
C ARG C 165 -15.85 -0.81 20.98
N LYS C 166 -15.10 -0.96 22.07
CA LYS C 166 -15.69 -0.95 23.41
C LYS C 166 -16.29 0.42 23.74
N HIS C 167 -15.58 1.49 23.39
CA HIS C 167 -16.08 2.85 23.60
C HIS C 167 -17.43 3.07 22.90
N LYS C 168 -17.56 2.58 21.67
CA LYS C 168 -18.80 2.70 20.92
C LYS C 168 -19.89 1.76 21.43
N GLU C 169 -19.58 0.95 22.45
CA GLU C 169 -20.38 -0.18 22.98
C GLU C 169 -20.28 -1.42 22.10
MG MG D . 13.92 -21.87 -1.13
PB GDP E . 15.38 -19.76 -3.28
O1B GDP E . 16.39 -20.87 -3.51
O2B GDP E . 14.84 -19.24 -4.58
O3B GDP E . 14.37 -20.06 -2.20
O3A GDP E . 16.23 -18.50 -2.74
PA GDP E . 16.34 -17.99 -1.19
O1A GDP E . 16.75 -19.18 -0.37
O2A GDP E . 15.14 -17.18 -0.80
O5' GDP E . 17.51 -16.92 -1.35
C5' GDP E . 18.80 -17.31 -1.86
C4' GDP E . 19.85 -16.32 -1.36
O4' GDP E . 19.58 -15.03 -1.92
C3' GDP E . 19.75 -16.19 0.16
O3' GDP E . 21.06 -16.10 0.72
C2' GDP E . 19.03 -14.87 0.38
O2' GDP E . 19.52 -14.20 1.54
C1' GDP E . 19.38 -14.07 -0.86
N9 GDP E . 18.29 -13.15 -1.27
C8 GDP E . 17.00 -13.50 -1.52
N7 GDP E . 16.30 -12.42 -1.94
C5 GDP E . 17.14 -11.37 -1.96
C6 GDP E . 17.01 -9.93 -2.30
O6 GDP E . 15.90 -9.49 -2.67
N1 GDP E . 18.11 -9.16 -2.20
C2 GDP E . 19.30 -9.69 -1.80
N2 GDP E . 20.39 -8.90 -1.70
N3 GDP E . 19.48 -10.99 -1.47
C4 GDP E . 18.44 -11.85 -1.52
C4 05I F . 11.44 -28.02 -12.30
C5 05I F . 11.87 -28.09 -10.97
C6 05I F . 13.22 -27.76 -10.73
N1 05I F . 14.03 -27.43 -11.77
N3 05I F . 12.28 -27.68 -13.26
C2 05I F . 13.56 -27.38 -13.02
CAH 05I F . 10.96 -28.45 -9.95
CAI 05I F . 9.72 -29.24 -10.40
CAK 05I F . 10.14 -28.31 -12.72
CAM 05I F . 15.70 -26.76 -13.78
CAN 05I F . 15.27 -28.06 -9.49
CAO 05I F . 16.03 -26.94 -8.79
CAQ 05I F . 14.15 -26.11 -7.73
CAR 05I F . 13.26 -27.19 -8.27
CAS 05I F . 7.95 -28.84 -12.09
CAT 05I F . 7.65 -30.17 -12.41
CAU 05I F . 6.43 -30.54 -12.94
CAV 05I F . 5.50 -29.56 -13.18
CAW 05I F . 5.76 -28.23 -12.90
CAX 05I F . 6.99 -27.82 -12.37
CAY 05I F . 4.74 -27.34 -13.20
CAZ 05I F . 4.91 -25.98 -12.95
CBA 05I F . 6.11 -25.54 -12.42
CBB 05I F . 7.15 -26.43 -12.12
CBC 05I F . 8.28 -25.80 -11.58
CBD 05I F . 16.41 -26.61 -15.12
CBF 05I F . 15.36 -27.28 -17.11
CBG 05I F . 15.90 -25.88 -17.31
CBH 05I F . 15.78 -25.43 -15.89
CBI 05I F . 17.50 -28.18 -16.55
CBJ 05I F . 14.41 -25.12 -8.87
CBK 05I F . 15.77 -25.60 -9.47
NAG 05I F . 13.83 -27.74 -9.53
NAJ 05I F . 9.20 -28.70 -11.66
NAP 05I F . 15.50 -26.64 -7.44
NBE 05I F . 16.19 -27.77 -15.99
OAL 05I F . 14.33 -27.02 -14.08
MG MG G . -8.94 22.13 -12.20
C4 05I H . -16.07 14.96 -20.20
C5 05I H . -15.58 16.23 -19.88
C6 05I H . -16.33 17.01 -18.95
N1 05I H . -17.47 16.49 -18.44
N3 05I H . -17.20 14.52 -19.65
C2 05I H . -17.90 15.26 -18.78
CAH 05I H . -14.39 16.67 -20.47
CAI 05I H . -14.10 16.06 -21.84
CAK 05I H . -15.45 14.08 -21.10
CAM 05I H . -19.69 15.47 -17.26
CAN 05I H . -17.17 19.09 -18.03
CAO 05I H . -16.88 19.62 -16.61
CAQ 05I H . -14.62 19.28 -16.75
CAR 05I H . -14.69 18.79 -18.18
CAS 05I H . -13.61 13.71 -22.53
CAT 05I H . -13.94 13.84 -23.88
CAU 05I H . -13.44 13.00 -24.86
CAV 05I H . -12.61 11.98 -24.45
CAW 05I H . -12.28 11.80 -23.12
CAX 05I H . -12.78 12.64 -22.10
CAY 05I H . -11.43 10.74 -22.83
CAZ 05I H . -11.03 10.48 -21.53
CBA 05I H . -11.50 11.29 -20.51
CBB 05I H . -12.35 12.37 -20.77
CBC 05I H . -12.70 13.09 -19.62
CBD 05I H . -21.03 14.80 -16.99
CBF 05I H . -21.72 13.16 -18.50
CBG 05I H . -21.86 12.59 -17.11
CBH 05I H . -20.75 13.37 -16.46
CBI 05I H . -23.21 14.99 -18.07
CBJ 05I H . -15.11 18.15 -15.84
CBK 05I H . -16.61 18.45 -15.65
NAG 05I H . -16.04 18.24 -18.48
NAJ 05I H . -14.26 14.61 -21.76
NAP 05I H . -15.61 20.35 -16.48
NBE 05I H . -21.80 14.61 -18.26
OAL 05I H . -19.04 14.71 -18.30
PG GNP I . -12.26 21.97 -12.18
O1G GNP I . -13.25 23.07 -12.31
O2G GNP I . -10.82 22.47 -12.71
O3G GNP I . -12.71 20.70 -13.09
N3B GNP I . -12.23 21.63 -10.47
PB GNP I . -10.99 20.63 -9.78
O1B GNP I . -11.33 19.19 -9.87
O2B GNP I . -9.58 20.97 -10.50
O3A GNP I . -10.92 21.00 -8.22
PA GNP I . -9.91 22.06 -7.57
O1A GNP I . -8.56 21.41 -7.47
O2A GNP I . -10.05 23.39 -8.28
O5' GNP I . -10.60 22.10 -6.12
C5' GNP I . -11.97 22.49 -5.96
C4' GNP I . -12.16 23.01 -4.55
O4' GNP I . -12.00 21.93 -3.63
C3' GNP I . -11.07 24.02 -4.22
O3' GNP I . -11.60 25.01 -3.33
C2' GNP I . -10.06 23.25 -3.42
O2' GNP I . -9.39 24.12 -2.50
C1' GNP I . -10.93 22.22 -2.73
N9 GNP I . -10.17 20.98 -2.49
C8 GNP I . -9.44 20.31 -3.39
N7 GNP I . -8.89 19.20 -2.83
C5 GNP I . -9.27 19.18 -1.54
C6 GNP I . -9.02 18.32 -0.37
O6 GNP I . -8.30 17.29 -0.49
N1 GNP I . -9.60 18.65 0.79
C2 GNP I . -10.39 19.74 0.94
N2 GNP I . -10.93 19.99 2.15
N3 GNP I . -10.65 20.59 -0.08
C4 GNP I . -10.11 20.36 -1.31
MG MG J . 8.35 10.32 13.51
C4 05I K . 2.44 18.26 21.08
C5 05I K . 3.21 17.95 19.95
C6 05I K . 4.60 17.76 20.15
N1 05I K . 5.11 17.93 21.38
N3 05I K . 3.02 18.41 22.27
C2 05I K . 4.34 18.24 22.43
CAH 05I K . 2.59 17.78 18.69
CAI 05I K . 1.27 18.55 18.53
CAK 05I K . 1.07 18.49 21.07
CAM 05I K . 6.30 18.30 23.74
CAN 05I K . 6.82 18.19 19.32
CAO 05I K . 7.98 17.22 19.28
CAQ 05I K . 6.81 15.55 18.21
CAR 05I K . 5.48 16.31 18.26
CAS 05I K . -0.92 18.41 19.72
CAT 05I K . -1.44 19.66 19.41
CAU 05I K . -2.81 19.92 19.39
CAV 05I K . -3.67 18.88 19.69
CAW 05I K . -3.17 17.62 20.01
CAX 05I K . -1.79 17.35 20.04
CAY 05I K . -4.11 16.65 20.30
CAZ 05I K . -3.75 15.36 20.62
CBA 05I K . -2.39 15.07 20.66
CBB 05I K . -1.41 16.01 20.38
CBC 05I K . -0.10 15.50 20.47
CBD 05I K . 6.76 18.65 25.17
CBF 05I K . 5.08 19.76 26.33
CBG 05I K . 5.50 18.60 27.21
CBH 05I K . 6.10 17.68 26.17
CBI 05I K . 7.32 20.56 26.56
CBJ 05I K . 7.12 14.98 19.57
CBK 05I K . 7.74 16.14 20.35
NAG 05I K . 5.55 17.44 19.23
NAJ 05I K . 0.43 18.39 19.73
NAP 05I K . 7.99 16.43 18.03
NBE 05I K . 6.34 20.01 25.61
OAL 05I K . 4.86 18.39 23.67
PG GNP L . 9.42 12.22 15.69
O1G GNP L . 8.72 12.00 14.40
O2G GNP L . 8.37 12.67 16.82
O3G GNP L . 10.48 13.43 15.52
N3B GNP L . 10.30 10.77 16.10
PB GNP L . 9.58 9.19 16.08
O1B GNP L . 8.64 9.01 14.92
O2B GNP L . 8.70 8.98 17.42
O3A GNP L . 10.66 8.02 16.08
PA GNP L . 11.19 7.31 14.72
O1A GNP L . 10.22 6.28 14.24
O2A GNP L . 11.62 8.48 13.84
O5' GNP L . 12.41 6.49 15.38
C5' GNP L . 13.51 7.17 15.96
C4' GNP L . 14.72 6.27 15.96
O4' GNP L . 14.58 5.15 16.84
C3' GNP L . 14.95 5.68 14.59
O3' GNP L . 16.36 5.75 14.39
C2' GNP L . 14.54 4.22 14.71
O2' GNP L . 15.37 3.36 13.94
C1' GNP L . 14.73 3.90 16.18
N9 GNP L . 13.72 2.90 16.64
C8 GNP L . 12.38 3.03 16.50
N7 GNP L . 11.73 1.95 17.03
C5 GNP L . 12.66 1.11 17.51
C6 GNP L . 12.65 -0.22 18.19
O6 GNP L . 11.56 -0.77 18.44
N1 GNP L . 13.83 -0.77 18.53
C2 GNP L . 15.00 -0.14 18.27
N2 GNP L . 16.15 -0.76 18.63
N3 GNP L . 15.08 1.07 17.64
C4 GNP L . 13.97 1.73 17.24
#